data_8JK2
#
_entry.id   8JK2
#
_cell.length_a   43.707
_cell.length_b   64.128
_cell.length_c   79.989
_cell.angle_alpha   90.000
_cell.angle_beta   98.640
_cell.angle_gamma   90.000
#
_symmetry.space_group_name_H-M   'P 1 21 1'
#
loop_
_entity.id
_entity.type
_entity.pdbx_description
1 polymer 'Protein N-terminal glutamine amidohydrolase'
2 water water
#
_entity_poly.entity_id   1
_entity_poly.type   'polypeptide(L)'
_entity_poly.pdbx_seq_one_letter_code
;QFMEGNGPAAVHYQPASPPRDACVYSSCYSEENVWKLCEYIKNHDQYPLEECYAVFISNERKMIPIWKQQARPGDGPVIW
DYHVVLLHVSSGGQSFIYDLDTVLPFPCLFDTYVEDAIKSDDDIHPQFRRKFRVICADSYLKNFASDRSHMKDSSGNWRE
PPPPYPCIETGDSKMNLNDFISMDPKVGWGAVYTLSEFTHRFGS
;
_entity_poly.pdbx_strand_id   B,A
#
# COMPACT_ATOMS: atom_id res chain seq x y z
N GLN A 1 -8.05 14.74 -22.55
CA GLN A 1 -6.61 14.92 -22.19
C GLN A 1 -6.50 15.22 -20.69
N PHE A 2 -5.33 15.00 -20.12
CA PHE A 2 -5.02 15.17 -18.68
C PHE A 2 -3.54 15.51 -18.53
N MET A 3 -3.23 16.56 -17.77
CA MET A 3 -1.84 16.97 -17.43
C MET A 3 -1.36 16.17 -16.21
N GLU A 4 -0.36 15.33 -16.41
CA GLU A 4 0.35 14.58 -15.32
C GLU A 4 1.21 15.58 -14.52
N GLY A 5 1.75 15.13 -13.38
CA GLY A 5 2.48 15.98 -12.41
C GLY A 5 3.60 16.77 -13.06
N PRO A 8 9.51 17.66 -13.71
CA PRO A 8 9.55 16.20 -13.96
C PRO A 8 10.97 15.73 -14.32
N ALA A 9 11.71 15.21 -13.34
CA ALA A 9 13.13 14.81 -13.47
C ALA A 9 13.23 13.48 -14.23
N ALA A 10 12.28 12.57 -13.96
CA ALA A 10 12.20 11.19 -14.51
C ALA A 10 12.22 11.21 -16.05
N VAL A 11 11.76 12.30 -16.67
CA VAL A 11 11.75 12.47 -18.15
C VAL A 11 13.19 12.46 -18.68
N HIS A 12 14.15 12.97 -17.89
CA HIS A 12 15.57 13.15 -18.29
C HIS A 12 16.49 12.23 -17.49
N TYR A 13 15.94 11.20 -16.84
CA TYR A 13 16.69 10.25 -15.99
C TYR A 13 17.88 9.65 -16.75
N GLN A 14 19.07 9.75 -16.16
CA GLN A 14 20.33 9.15 -16.70
C GLN A 14 20.54 7.80 -16.00
N PRO A 15 20.61 6.68 -16.75
CA PRO A 15 20.81 5.37 -16.14
C PRO A 15 22.06 5.29 -15.25
N ALA A 16 21.97 4.50 -14.18
CA ALA A 16 23.03 4.35 -13.14
C ALA A 16 24.00 3.24 -13.52
N SER A 17 23.68 2.45 -14.55
CA SER A 17 24.50 1.31 -15.06
C SER A 17 25.09 1.68 -16.41
N PRO A 18 26.08 0.91 -16.93
CA PRO A 18 26.37 0.91 -18.36
C PRO A 18 25.15 0.41 -19.12
N PRO A 19 25.11 0.55 -20.46
CA PRO A 19 24.07 -0.08 -21.27
C PRO A 19 24.03 -1.60 -21.03
N ARG A 20 22.89 -2.23 -21.30
CA ARG A 20 22.61 -3.65 -20.99
C ARG A 20 23.81 -4.53 -21.44
N ASP A 21 24.28 -4.36 -22.68
CA ASP A 21 25.29 -5.27 -23.30
C ASP A 21 26.69 -5.06 -22.70
N ALA A 22 26.92 -3.98 -21.95
CA ALA A 22 28.24 -3.66 -21.35
C ALA A 22 28.29 -4.07 -19.87
N CYS A 23 27.19 -4.58 -19.33
CA CYS A 23 27.11 -5.00 -17.91
C CYS A 23 27.68 -6.40 -17.74
N VAL A 24 28.37 -6.64 -16.62
CA VAL A 24 28.77 -8.00 -16.18
C VAL A 24 27.47 -8.80 -16.03
N TYR A 25 27.37 -9.92 -16.74
CA TYR A 25 26.14 -10.76 -16.80
C TYR A 25 26.52 -12.23 -17.01
N SER A 26 25.99 -13.09 -16.14
CA SER A 26 25.92 -14.56 -16.34
C SER A 26 24.47 -15.02 -16.17
N SER A 27 23.93 -15.73 -17.15
CA SER A 27 22.57 -16.33 -17.12
C SER A 27 22.45 -17.24 -15.88
N CYS A 28 21.35 -17.10 -15.13
CA CYS A 28 20.98 -17.88 -13.92
C CYS A 28 21.84 -17.50 -12.70
N TYR A 29 22.55 -16.36 -12.71
CA TYR A 29 23.24 -15.78 -11.51
C TYR A 29 22.79 -14.32 -11.29
N SER A 30 21.49 -14.04 -11.37
CA SER A 30 20.95 -12.65 -11.28
C SER A 30 21.36 -12.01 -9.94
N GLU A 31 21.50 -12.80 -8.87
CA GLU A 31 21.97 -12.31 -7.53
C GLU A 31 23.35 -11.69 -7.71
N GLU A 32 24.19 -12.26 -8.56
CA GLU A 32 25.59 -11.78 -8.78
C GLU A 32 25.59 -10.65 -9.79
N ASN A 33 24.75 -10.73 -10.82
CA ASN A 33 24.60 -9.66 -11.84
C ASN A 33 24.24 -8.36 -11.09
N VAL A 34 23.33 -8.43 -10.13
CA VAL A 34 22.84 -7.23 -9.38
C VAL A 34 23.94 -6.74 -8.42
N TRP A 35 24.61 -7.67 -7.72
CA TRP A 35 25.80 -7.38 -6.87
C TRP A 35 26.79 -6.52 -7.66
N LYS A 36 27.01 -6.89 -8.93
CA LYS A 36 28.00 -6.22 -9.83
C LYS A 36 27.48 -4.84 -10.23
N LEU A 37 26.17 -4.68 -10.43
CA LEU A 37 25.57 -3.33 -10.68
C LEU A 37 25.82 -2.46 -9.43
N CYS A 38 25.68 -3.00 -8.22
CA CYS A 38 25.90 -2.28 -6.94
C CYS A 38 27.37 -1.83 -6.83
N GLU A 39 28.30 -2.72 -7.14
CA GLU A 39 29.76 -2.43 -7.13
C GLU A 39 30.08 -1.31 -8.12
N TYR A 40 29.52 -1.37 -9.34
CA TYR A 40 29.70 -0.33 -10.38
C TYR A 40 29.24 1.02 -9.82
N ILE A 41 28.03 1.09 -9.28
CA ILE A 41 27.44 2.37 -8.78
C ILE A 41 28.31 2.90 -7.64
N LYS A 42 28.76 2.02 -6.73
CA LYS A 42 29.64 2.39 -5.59
C LYS A 42 30.90 3.07 -6.13
N ASN A 43 31.57 2.46 -7.11
CA ASN A 43 32.94 2.85 -7.55
C ASN A 43 32.91 4.02 -8.53
N HIS A 44 31.73 4.39 -9.04
CA HIS A 44 31.55 5.55 -9.96
C HIS A 44 30.90 6.72 -9.19
N ASP A 45 30.92 7.91 -9.78
CA ASP A 45 30.67 9.20 -9.09
C ASP A 45 29.32 9.80 -9.53
N GLN A 46 28.41 8.98 -10.06
CA GLN A 46 27.11 9.41 -10.65
C GLN A 46 26.01 9.38 -9.57
N TYR A 47 25.85 8.26 -8.86
CA TYR A 47 24.78 8.09 -7.84
C TYR A 47 25.34 7.45 -6.57
N PRO A 48 24.72 7.71 -5.39
CA PRO A 48 25.08 7.02 -4.16
C PRO A 48 24.30 5.73 -3.99
N LEU A 49 24.92 4.72 -3.37
CA LEU A 49 24.30 3.40 -3.08
C LEU A 49 23.06 3.57 -2.20
N GLU A 50 23.00 4.63 -1.39
CA GLU A 50 21.91 4.95 -0.44
C GLU A 50 20.57 5.00 -1.18
N GLU A 51 20.59 5.32 -2.48
CA GLU A 51 19.38 5.48 -3.32
C GLU A 51 18.98 4.13 -3.95
N CYS A 52 19.78 3.08 -3.75
CA CYS A 52 19.64 1.80 -4.51
C CYS A 52 19.38 0.62 -3.57
N TYR A 53 18.67 -0.38 -4.09
CA TYR A 53 18.27 -1.60 -3.36
C TYR A 53 18.45 -2.81 -4.27
N ALA A 54 19.00 -3.89 -3.70
CA ALA A 54 18.89 -5.24 -4.26
C ALA A 54 17.50 -5.76 -3.89
N VAL A 55 16.78 -6.29 -4.88
CA VAL A 55 15.40 -6.82 -4.70
C VAL A 55 15.39 -8.29 -5.11
N PHE A 56 15.31 -9.18 -4.13
CA PHE A 56 15.07 -10.64 -4.35
C PHE A 56 13.56 -10.86 -4.47
N ILE A 57 13.15 -11.52 -5.55
CA ILE A 57 11.74 -11.93 -5.80
C ILE A 57 11.66 -13.45 -5.61
N SER A 58 10.87 -13.92 -4.65
CA SER A 58 10.62 -15.37 -4.47
C SER A 58 9.34 -15.57 -3.68
N ASN A 59 9.11 -16.80 -3.22
CA ASN A 59 7.98 -17.15 -2.33
C ASN A 59 8.36 -18.44 -1.59
N GLU A 60 7.54 -18.90 -0.65
CA GLU A 60 7.86 -20.05 0.23
C GLU A 60 8.15 -21.30 -0.61
N ARG A 61 7.43 -21.53 -1.72
CA ARG A 61 7.62 -22.74 -2.56
C ARG A 61 8.75 -22.53 -3.59
N LYS A 62 9.33 -21.33 -3.67
CA LYS A 62 10.42 -20.97 -4.62
C LYS A 62 9.98 -21.32 -6.05
N MET A 63 8.80 -20.85 -6.44
CA MET A 63 8.27 -20.91 -7.83
C MET A 63 7.47 -19.64 -8.10
N ILE A 64 8.09 -18.67 -8.76
CA ILE A 64 7.49 -17.34 -9.08
C ILE A 64 7.42 -17.16 -10.59
N PRO A 65 6.21 -16.92 -11.16
CA PRO A 65 6.12 -16.51 -12.56
C PRO A 65 6.62 -15.06 -12.73
N ILE A 66 7.44 -14.84 -13.76
CA ILE A 66 7.87 -13.48 -14.21
C ILE A 66 7.67 -13.43 -15.72
N TRP A 67 6.92 -12.43 -16.19
CA TRP A 67 6.68 -12.18 -17.63
C TRP A 67 7.76 -11.24 -18.17
N LYS A 68 7.83 -11.10 -19.50
CA LYS A 68 8.79 -10.22 -20.21
C LYS A 68 10.23 -10.64 -19.89
N GLN A 69 10.48 -11.95 -19.81
CA GLN A 69 11.83 -12.52 -19.53
C GLN A 69 12.44 -13.05 -20.83
N GLN A 70 13.73 -12.77 -21.05
CA GLN A 70 14.39 -13.04 -22.36
C GLN A 70 14.59 -14.55 -22.54
N ALA A 71 14.55 -15.35 -21.47
CA ALA A 71 14.65 -16.83 -21.53
C ALA A 71 13.41 -17.40 -22.23
N ARG A 72 12.28 -16.70 -22.21
CA ARG A 72 11.03 -17.10 -22.94
C ARG A 72 10.42 -15.88 -23.60
N PRO A 73 10.88 -15.50 -24.81
CA PRO A 73 10.16 -14.53 -25.65
C PRO A 73 8.78 -15.09 -26.02
N GLY A 74 7.77 -14.21 -26.05
CA GLY A 74 6.35 -14.57 -26.09
C GLY A 74 5.59 -13.88 -24.99
N ASP A 75 4.33 -14.27 -24.76
CA ASP A 75 3.41 -13.61 -23.78
C ASP A 75 3.26 -14.49 -22.53
N GLY A 76 4.06 -15.55 -22.40
CA GLY A 76 4.01 -16.50 -21.26
C GLY A 76 5.13 -16.23 -20.26
N PRO A 77 4.99 -16.69 -19.00
CA PRO A 77 6.01 -16.45 -17.98
C PRO A 77 7.18 -17.45 -17.96
N VAL A 78 8.32 -17.02 -17.43
CA VAL A 78 9.38 -17.92 -16.88
C VAL A 78 9.02 -18.18 -15.42
N ILE A 79 9.09 -19.44 -14.98
CA ILE A 79 8.90 -19.82 -13.56
C ILE A 79 10.28 -19.97 -12.92
N TRP A 80 10.73 -18.94 -12.20
CA TRP A 80 12.03 -18.94 -11.47
C TRP A 80 11.84 -19.53 -10.09
N ASP A 81 12.90 -20.13 -9.54
CA ASP A 81 12.99 -20.43 -8.08
C ASP A 81 13.12 -19.09 -7.33
N TYR A 82 13.97 -18.19 -7.82
CA TYR A 82 14.04 -16.78 -7.38
C TYR A 82 14.59 -15.94 -8.54
N HIS A 83 14.41 -14.63 -8.46
CA HIS A 83 15.02 -13.67 -9.43
C HIS A 83 15.42 -12.41 -8.66
N VAL A 84 16.46 -11.73 -9.13
CA VAL A 84 17.04 -10.54 -8.44
C VAL A 84 17.14 -9.40 -9.43
N VAL A 85 16.73 -8.19 -9.02
CA VAL A 85 16.81 -6.97 -9.86
C VAL A 85 17.38 -5.86 -8.98
N LEU A 86 17.83 -4.77 -9.59
CA LEU A 86 18.25 -3.55 -8.86
C LEU A 86 17.12 -2.52 -8.97
N LEU A 87 16.84 -1.85 -7.86
CA LEU A 87 15.86 -0.74 -7.74
C LEU A 87 16.64 0.52 -7.41
N HIS A 88 16.51 1.56 -8.24
CA HIS A 88 17.05 2.92 -7.96
C HIS A 88 15.89 3.89 -7.78
N VAL A 89 15.79 4.51 -6.59
CA VAL A 89 14.86 5.63 -6.32
C VAL A 89 15.54 6.93 -6.76
N SER A 90 15.18 7.48 -7.92
CA SER A 90 15.73 8.76 -8.44
C SER A 90 15.31 9.94 -7.56
N SER A 91 16.02 11.07 -7.68
CA SER A 91 15.95 12.25 -6.77
C SER A 91 14.51 12.78 -6.62
N GLY A 92 13.72 12.73 -7.70
CA GLY A 92 12.33 13.23 -7.69
C GLY A 92 11.35 12.25 -7.05
N GLY A 93 11.77 11.01 -6.76
CA GLY A 93 10.93 9.99 -6.12
C GLY A 93 10.53 8.85 -7.07
N GLN A 94 10.76 9.00 -8.39
CA GLN A 94 10.44 7.94 -9.38
C GLN A 94 11.43 6.77 -9.22
N SER A 95 10.92 5.55 -9.07
CA SER A 95 11.75 4.31 -8.99
C SER A 95 11.99 3.73 -10.39
N PHE A 96 13.17 3.16 -10.59
CA PHE A 96 13.59 2.47 -11.83
C PHE A 96 14.04 1.04 -11.47
N ILE A 97 13.63 0.06 -12.26
CA ILE A 97 14.09 -1.36 -12.13
C ILE A 97 15.16 -1.63 -13.19
N TYR A 98 16.28 -2.20 -12.75
CA TYR A 98 17.41 -2.68 -13.59
C TYR A 98 17.35 -4.22 -13.55
N ASP A 99 16.81 -4.83 -14.61
CA ASP A 99 16.75 -6.31 -14.79
C ASP A 99 17.41 -6.68 -16.12
N LEU A 100 18.64 -7.17 -16.06
CA LEU A 100 19.39 -7.60 -17.27
C LEU A 100 18.64 -8.70 -18.02
N ASP A 101 17.70 -9.41 -17.40
CA ASP A 101 17.00 -10.55 -18.03
C ASP A 101 15.63 -10.16 -18.62
N THR A 102 15.16 -8.93 -18.43
CA THR A 102 13.83 -8.49 -18.96
C THR A 102 13.97 -8.07 -20.43
N VAL A 103 12.90 -8.26 -21.21
CA VAL A 103 12.77 -7.75 -22.61
C VAL A 103 12.28 -6.29 -22.55
N LEU A 104 11.80 -5.86 -21.37
CA LEU A 104 11.45 -4.44 -21.11
C LEU A 104 12.72 -3.61 -21.17
N PRO A 105 12.59 -2.27 -21.30
CA PRO A 105 13.77 -1.40 -21.30
C PRO A 105 14.67 -1.62 -20.08
N PHE A 106 15.96 -1.32 -20.24
CA PHE A 106 16.99 -1.38 -19.16
C PHE A 106 17.61 0.00 -19.03
N PRO A 107 17.27 0.82 -18.02
CA PRO A 107 16.29 0.49 -17.00
C PRO A 107 14.84 0.78 -17.42
N CYS A 108 13.92 0.43 -16.51
CA CYS A 108 12.45 0.41 -16.71
CA CYS A 108 12.45 0.46 -16.74
C CYS A 108 11.77 1.16 -15.57
N LEU A 109 10.83 2.05 -15.87
CA LEU A 109 10.02 2.74 -14.84
C LEU A 109 9.34 1.67 -13.98
N PHE A 110 9.35 1.89 -12.67
CA PHE A 110 8.86 0.94 -11.65
C PHE A 110 7.45 0.47 -12.01
N ASP A 111 6.54 1.41 -12.30
CA ASP A 111 5.11 1.07 -12.54
C ASP A 111 5.01 0.09 -13.72
N THR A 112 5.75 0.31 -14.81
CA THR A 112 5.70 -0.54 -16.02
C THR A 112 6.24 -1.94 -15.70
N TYR A 113 7.34 -2.03 -14.95
CA TYR A 113 7.94 -3.32 -14.55
C TYR A 113 6.91 -4.13 -13.76
N VAL A 114 6.30 -3.52 -12.75
CA VAL A 114 5.28 -4.21 -11.91
C VAL A 114 4.09 -4.59 -12.78
N GLU A 115 3.63 -3.69 -13.66
CA GLU A 115 2.40 -3.91 -14.46
C GLU A 115 2.63 -5.02 -15.50
N ASP A 116 3.81 -5.07 -16.13
CA ASP A 116 4.06 -5.90 -17.33
C ASP A 116 4.90 -7.15 -16.99
N ALA A 117 5.88 -7.05 -16.08
CA ALA A 117 6.77 -8.17 -15.72
C ALA A 117 6.13 -8.99 -14.58
N ILE A 118 5.66 -8.32 -13.54
CA ILE A 118 5.08 -8.99 -12.34
C ILE A 118 3.61 -9.29 -12.60
N LYS A 119 2.84 -8.26 -12.95
CA LYS A 119 1.36 -8.30 -13.13
C LYS A 119 0.69 -8.48 -11.77
N SER A 120 -0.63 -8.29 -11.73
CA SER A 120 -1.49 -8.49 -10.53
C SER A 120 -1.29 -9.90 -9.97
N ASP A 121 -1.18 -10.02 -8.63
CA ASP A 121 -1.15 -11.30 -7.86
C ASP A 121 -2.56 -11.91 -7.82
N ASP A 122 -3.61 -11.15 -8.15
CA ASP A 122 -5.02 -11.44 -7.79
C ASP A 122 -5.57 -12.66 -8.54
N ASP A 123 -5.21 -12.85 -9.82
CA ASP A 123 -5.72 -13.95 -10.68
C ASP A 123 -4.77 -15.15 -10.63
N ILE A 124 -3.64 -15.00 -9.96
CA ILE A 124 -2.60 -16.05 -9.78
C ILE A 124 -3.00 -16.88 -8.55
N HIS A 125 -2.92 -18.20 -8.62
CA HIS A 125 -3.13 -19.08 -7.45
C HIS A 125 -2.23 -18.56 -6.32
N PRO A 126 -2.77 -18.30 -5.11
CA PRO A 126 -2.04 -17.56 -4.09
C PRO A 126 -0.61 -18.04 -3.79
N GLN A 127 -0.34 -19.34 -3.90
CA GLN A 127 0.97 -19.95 -3.50
C GLN A 127 2.05 -19.62 -4.54
N PHE A 128 1.69 -19.07 -5.71
CA PHE A 128 2.66 -18.60 -6.74
C PHE A 128 2.84 -17.08 -6.62
N ARG A 129 2.23 -16.45 -5.63
CA ARG A 129 2.29 -14.97 -5.46
C ARG A 129 3.75 -14.58 -5.23
N ARG A 130 4.11 -13.36 -5.66
CA ARG A 130 5.50 -12.85 -5.60
C ARG A 130 5.65 -12.06 -4.31
N LYS A 131 6.71 -12.34 -3.56
CA LYS A 131 7.17 -11.54 -2.40
C LYS A 131 8.53 -10.94 -2.74
N PHE A 132 8.90 -9.85 -2.05
CA PHE A 132 10.06 -9.01 -2.40
C PHE A 132 10.89 -8.78 -1.13
N ARG A 133 12.13 -9.27 -1.13
CA ARG A 133 13.13 -8.91 -0.09
C ARG A 133 13.94 -7.75 -0.64
N VAL A 134 13.82 -6.59 0.01
CA VAL A 134 14.45 -5.32 -0.41
C VAL A 134 15.59 -5.05 0.60
N ILE A 135 16.83 -5.05 0.10
CA ILE A 135 18.07 -4.82 0.89
C ILE A 135 18.75 -3.59 0.32
N CYS A 136 19.00 -2.59 1.16
CA CYS A 136 19.83 -1.40 0.83
CA CYS A 136 19.81 -1.39 0.79
C CYS A 136 21.10 -1.92 0.15
N ALA A 137 21.47 -1.37 -1.03
CA ALA A 137 22.59 -1.87 -1.86
C ALA A 137 23.89 -1.90 -1.05
N ASP A 138 24.09 -0.96 -0.13
CA ASP A 138 25.27 -0.91 0.77
C ASP A 138 25.28 -2.18 1.63
N SER A 139 24.17 -2.49 2.30
CA SER A 139 24.02 -3.70 3.15
C SER A 139 24.23 -4.97 2.29
N TYR A 140 23.80 -4.96 1.03
CA TYR A 140 23.94 -6.10 0.08
C TYR A 140 25.43 -6.35 -0.17
N LEU A 141 26.19 -5.31 -0.50
CA LEU A 141 27.67 -5.40 -0.72
C LEU A 141 28.36 -5.87 0.56
N LYS A 142 27.90 -5.45 1.73
CA LYS A 142 28.54 -5.75 3.04
C LYS A 142 28.31 -7.22 3.40
N ASN A 143 27.11 -7.76 3.16
CA ASN A 143 26.64 -9.01 3.83
C ASN A 143 26.50 -10.19 2.85
N PHE A 144 26.31 -9.98 1.55
CA PHE A 144 26.05 -11.08 0.59
C PHE A 144 27.29 -11.96 0.43
N ALA A 145 27.10 -13.28 0.46
CA ALA A 145 28.13 -14.30 0.13
C ALA A 145 27.49 -15.47 -0.61
N SER A 146 28.10 -15.93 -1.70
CA SER A 146 27.69 -17.17 -2.39
C SER A 146 28.92 -17.94 -2.87
N ASP A 147 29.03 -19.21 -2.48
CA ASP A 147 30.04 -20.18 -2.97
C ASP A 147 29.50 -20.92 -4.20
N ARG A 148 28.34 -20.52 -4.70
CA ARG A 148 27.73 -21.04 -5.95
C ARG A 148 27.46 -22.55 -5.85
N SER A 149 27.39 -23.10 -4.63
CA SER A 149 27.19 -24.56 -4.40
C SER A 149 25.79 -24.96 -4.89
N HIS A 150 24.86 -24.02 -4.96
CA HIS A 150 23.46 -24.26 -5.41
C HIS A 150 23.44 -24.50 -6.94
N MET A 151 24.52 -24.18 -7.65
CA MET A 151 24.55 -24.26 -9.14
C MET A 151 25.37 -25.48 -9.58
N LYS A 152 25.65 -26.40 -8.64
CA LYS A 152 26.39 -27.66 -8.91
C LYS A 152 25.44 -28.84 -8.67
N ASP A 153 25.49 -29.86 -9.54
CA ASP A 153 24.71 -31.11 -9.36
C ASP A 153 25.38 -31.96 -8.27
N SER A 154 24.77 -33.09 -7.93
CA SER A 154 25.20 -34.06 -6.89
C SER A 154 26.71 -34.36 -6.99
N SER A 155 27.27 -34.42 -8.21
CA SER A 155 28.68 -34.80 -8.47
C SER A 155 29.59 -33.56 -8.61
N GLY A 156 29.04 -32.36 -8.39
CA GLY A 156 29.82 -31.10 -8.35
C GLY A 156 30.04 -30.50 -9.72
N ASN A 157 29.26 -30.90 -10.73
CA ASN A 157 29.30 -30.34 -12.11
C ASN A 157 28.39 -29.11 -12.18
N TRP A 158 28.75 -28.11 -13.00
CA TRP A 158 27.99 -26.85 -13.16
C TRP A 158 26.71 -27.10 -13.96
N ARG A 159 25.56 -26.70 -13.42
CA ARG A 159 24.25 -26.75 -14.13
C ARG A 159 24.23 -25.63 -15.18
N GLU A 160 24.86 -24.50 -14.87
CA GLU A 160 24.99 -23.33 -15.77
C GLU A 160 26.39 -22.77 -15.61
N PRO A 161 27.05 -22.31 -16.69
CA PRO A 161 28.43 -21.82 -16.60
C PRO A 161 28.57 -20.72 -15.56
N PRO A 162 29.60 -20.78 -14.68
CA PRO A 162 29.77 -19.79 -13.62
C PRO A 162 30.22 -18.44 -14.15
N PRO A 163 30.00 -17.35 -13.39
CA PRO A 163 30.55 -16.04 -13.73
C PRO A 163 32.06 -16.10 -13.80
N PRO A 164 32.70 -15.21 -14.59
CA PRO A 164 34.14 -15.28 -14.84
C PRO A 164 35.02 -14.54 -13.80
N TYR A 165 34.67 -14.63 -12.52
CA TYR A 165 35.42 -14.01 -11.38
C TYR A 165 35.22 -14.89 -10.16
N PRO A 166 36.10 -14.83 -9.15
CA PRO A 166 35.96 -15.63 -7.93
C PRO A 166 34.66 -15.34 -7.16
N CYS A 167 34.16 -16.36 -6.46
CA CYS A 167 32.98 -16.29 -5.58
C CYS A 167 33.03 -15.04 -4.68
N ILE A 168 31.90 -14.39 -4.51
CA ILE A 168 31.71 -13.26 -3.56
C ILE A 168 31.65 -13.86 -2.15
N GLU A 169 32.51 -13.39 -1.25
CA GLU A 169 32.53 -13.81 0.18
C GLU A 169 32.78 -12.58 1.05
N THR A 170 32.45 -12.68 2.34
CA THR A 170 32.67 -11.65 3.38
C THR A 170 33.46 -12.29 4.53
N GLY A 171 33.88 -11.49 5.52
CA GLY A 171 34.56 -11.97 6.73
C GLY A 171 33.66 -12.80 7.63
N ASP A 172 32.34 -12.74 7.42
CA ASP A 172 31.31 -13.42 8.25
C ASP A 172 30.85 -14.74 7.62
N SER A 173 30.85 -14.84 6.28
CA SER A 173 30.21 -15.96 5.55
C SER A 173 30.84 -16.17 4.17
N LYS A 174 30.85 -17.42 3.70
CA LYS A 174 31.18 -17.82 2.31
C LYS A 174 29.91 -18.24 1.55
N MET A 175 28.77 -18.37 2.24
CA MET A 175 27.48 -18.78 1.61
C MET A 175 26.31 -18.44 2.54
N ASN A 176 25.49 -17.47 2.16
CA ASN A 176 24.22 -17.14 2.87
C ASN A 176 23.11 -16.83 1.84
N LEU A 177 23.25 -17.31 0.61
CA LEU A 177 22.29 -16.99 -0.48
C LEU A 177 20.86 -17.37 -0.06
N ASN A 178 20.70 -18.47 0.68
CA ASN A 178 19.36 -18.94 1.13
C ASN A 178 18.70 -17.90 2.04
N ASP A 179 19.49 -17.07 2.75
CA ASP A 179 18.99 -16.05 3.71
C ASP A 179 18.43 -14.84 2.94
N PHE A 180 18.71 -14.74 1.64
CA PHE A 180 18.19 -13.68 0.73
C PHE A 180 17.00 -14.21 -0.07
N ILE A 181 17.05 -15.47 -0.49
CA ILE A 181 15.95 -16.14 -1.26
C ILE A 181 14.76 -16.34 -0.34
N SER A 182 14.99 -16.70 0.92
CA SER A 182 13.97 -16.80 1.99
C SER A 182 13.15 -15.50 2.04
N MET A 183 11.82 -15.63 2.05
CA MET A 183 10.89 -14.49 2.26
C MET A 183 10.36 -14.54 3.70
N ASP A 184 11.16 -15.10 4.62
CA ASP A 184 10.89 -15.12 6.08
C ASP A 184 11.57 -13.92 6.70
N PRO A 185 10.82 -12.97 7.31
CA PRO A 185 11.39 -11.81 7.99
C PRO A 185 12.39 -12.13 9.12
N LYS A 186 12.27 -13.31 9.73
CA LYS A 186 13.16 -13.77 10.84
C LYS A 186 14.58 -14.03 10.35
N VAL A 187 14.78 -14.09 9.03
CA VAL A 187 16.02 -14.55 8.33
C VAL A 187 16.58 -13.37 7.50
N GLY A 188 17.91 -13.17 7.54
CA GLY A 188 18.63 -12.32 6.58
C GLY A 188 18.47 -10.83 6.85
N TRP A 189 18.72 -10.01 5.83
CA TRP A 189 18.77 -8.52 5.92
C TRP A 189 17.61 -7.92 5.12
N GLY A 190 17.37 -6.62 5.34
CA GLY A 190 16.36 -5.81 4.62
C GLY A 190 14.96 -6.11 5.11
N ALA A 191 13.97 -5.86 4.26
CA ALA A 191 12.53 -5.97 4.60
C ALA A 191 11.85 -6.86 3.55
N VAL A 192 10.90 -7.67 3.99
CA VAL A 192 10.14 -8.60 3.10
C VAL A 192 8.76 -7.97 2.90
N TYR A 193 8.38 -7.77 1.64
CA TYR A 193 7.12 -7.10 1.24
C TYR A 193 6.27 -8.05 0.41
N THR A 194 4.97 -8.02 0.59
CA THR A 194 4.01 -8.52 -0.42
C THR A 194 4.10 -7.59 -1.63
N LEU A 195 3.50 -7.97 -2.76
CA LEU A 195 3.43 -7.12 -3.97
C LEU A 195 2.81 -5.76 -3.58
N SER A 196 1.71 -5.79 -2.81
CA SER A 196 0.97 -4.57 -2.39
CA SER A 196 0.96 -4.59 -2.37
C SER A 196 1.88 -3.66 -1.57
N GLU A 197 2.62 -4.22 -0.62
CA GLU A 197 3.55 -3.46 0.26
C GLU A 197 4.70 -2.90 -0.59
N PHE A 198 5.17 -3.66 -1.59
CA PHE A 198 6.30 -3.30 -2.49
C PHE A 198 5.90 -2.09 -3.33
N THR A 199 4.74 -2.15 -3.98
CA THR A 199 4.23 -1.05 -4.83
C THR A 199 3.92 0.16 -3.94
N HIS A 200 3.33 -0.05 -2.77
CA HIS A 200 3.02 1.07 -1.84
C HIS A 200 4.31 1.82 -1.49
N ARG A 201 5.39 1.10 -1.20
CA ARG A 201 6.68 1.70 -0.75
C ARG A 201 7.36 2.44 -1.91
N PHE A 202 7.37 1.88 -3.12
CA PHE A 202 8.23 2.39 -4.23
C PHE A 202 7.42 2.98 -5.39
N GLY A 203 6.10 2.78 -5.44
CA GLY A 203 5.24 3.31 -6.51
C GLY A 203 5.00 4.80 -6.36
N SER A 204 4.72 5.49 -7.48
CA SER A 204 4.47 6.95 -7.57
C SER A 204 3.49 7.40 -6.49
N GLN B 1 -40.01 28.21 -5.81
CA GLN B 1 -38.57 28.41 -5.51
C GLN B 1 -38.35 28.39 -4.00
N PHE B 2 -37.14 27.98 -3.58
CA PHE B 2 -36.72 27.89 -2.17
C PHE B 2 -35.23 28.23 -2.08
N MET B 3 -34.84 29.10 -1.15
CA MET B 3 -33.43 29.40 -0.83
C MET B 3 -32.89 28.34 0.14
N GLU B 4 -31.82 27.65 -0.24
CA GLU B 4 -31.11 26.64 0.61
C GLU B 4 -30.10 27.39 1.49
N GLY B 5 -30.36 27.44 2.81
CA GLY B 5 -29.53 28.16 3.80
C GLY B 5 -29.06 27.23 4.91
N PRO B 8 -24.17 30.55 4.16
CA PRO B 8 -22.72 30.53 3.94
C PRO B 8 -22.29 29.18 3.32
N ALA B 9 -22.31 29.10 1.99
CA ALA B 9 -22.09 27.85 1.23
C ALA B 9 -20.76 27.92 0.48
N ALA B 10 -19.95 26.88 0.64
CA ALA B 10 -18.61 26.74 0.02
C ALA B 10 -18.79 26.24 -1.42
N VAL B 11 -19.32 27.10 -2.30
CA VAL B 11 -19.64 26.73 -3.71
C VAL B 11 -18.33 26.48 -4.47
N HIS B 12 -17.23 27.11 -4.04
CA HIS B 12 -15.87 26.98 -4.66
C HIS B 12 -15.00 25.98 -3.89
N TYR B 13 -15.61 25.07 -3.14
CA TYR B 13 -14.89 24.12 -2.24
C TYR B 13 -13.81 23.35 -3.00
N GLN B 14 -12.57 23.43 -2.51
CA GLN B 14 -11.42 22.64 -3.01
C GLN B 14 -11.30 21.38 -2.15
N PRO B 15 -11.33 20.16 -2.74
CA PRO B 15 -11.20 18.95 -1.93
C PRO B 15 -9.92 18.94 -1.10
N ALA B 16 -10.00 18.32 0.09
CA ALA B 16 -8.91 18.20 1.09
C ALA B 16 -8.05 16.96 0.83
N SER B 17 -8.46 16.12 -0.13
CA SER B 17 -7.83 14.82 -0.43
C SER B 17 -7.37 14.80 -1.89
N PRO B 18 -6.52 13.83 -2.29
CA PRO B 18 -6.31 13.56 -3.71
C PRO B 18 -7.62 13.07 -4.31
N PRO B 19 -7.72 12.97 -5.65
CA PRO B 19 -8.88 12.33 -6.29
C PRO B 19 -9.04 10.90 -5.74
N ARG B 20 -10.28 10.39 -5.77
CA ARG B 20 -10.67 9.10 -5.13
C ARG B 20 -9.65 8.00 -5.51
N ASP B 21 -9.33 7.86 -6.79
CA ASP B 21 -8.49 6.73 -7.31
C ASP B 21 -7.02 6.92 -6.91
N ALA B 22 -6.62 8.12 -6.49
CA ALA B 22 -5.24 8.42 -6.05
C ALA B 22 -5.08 8.12 -4.55
N CYS B 23 -6.16 7.86 -3.82
CA CYS B 23 -6.12 7.72 -2.34
C CYS B 23 -5.68 6.32 -1.91
N VAL B 24 -4.93 6.24 -0.81
CA VAL B 24 -4.63 4.95 -0.11
C VAL B 24 -5.97 4.33 0.30
N TYR B 25 -6.22 3.08 -0.09
CA TYR B 25 -7.52 2.41 0.10
C TYR B 25 -7.32 0.89 0.17
N SER B 26 -7.93 0.27 1.19
CA SER B 26 -8.09 -1.20 1.32
C SER B 26 -9.55 -1.49 1.69
N SER B 27 -10.22 -2.32 0.90
CA SER B 27 -11.61 -2.78 1.15
C SER B 27 -11.67 -3.40 2.55
N CYS B 28 -12.63 -2.97 3.38
CA CYS B 28 -12.95 -3.49 4.74
C CYS B 28 -11.97 -2.97 5.80
N TYR B 29 -11.21 -1.90 5.51
CA TYR B 29 -10.37 -1.20 6.51
C TYR B 29 -10.64 0.31 6.44
N SER B 30 -11.92 0.72 6.35
CA SER B 30 -12.33 2.14 6.28
C SER B 30 -11.73 2.94 7.44
N GLU B 31 -11.58 2.34 8.63
CA GLU B 31 -10.95 3.02 9.79
C GLU B 31 -9.54 3.48 9.39
N GLU B 32 -8.82 2.67 8.61
CA GLU B 32 -7.43 3.01 8.19
C GLU B 32 -7.44 3.95 6.98
N ASN B 33 -8.35 3.73 6.02
CA ASN B 33 -8.55 4.62 4.85
C ASN B 33 -8.77 6.06 5.34
N VAL B 34 -9.64 6.23 6.33
CA VAL B 34 -9.95 7.57 6.93
C VAL B 34 -8.71 8.08 7.68
N TRP B 35 -8.02 7.21 8.41
CA TRP B 35 -6.76 7.57 9.11
C TRP B 35 -5.79 8.18 8.10
N LYS B 36 -5.64 7.54 6.93
CA LYS B 36 -4.65 7.98 5.90
C LYS B 36 -5.09 9.34 5.34
N LEU B 37 -6.38 9.54 5.08
CA LEU B 37 -6.93 10.87 4.67
C LEU B 37 -6.54 11.92 5.72
N CYS B 38 -6.66 11.61 7.02
CA CYS B 38 -6.34 12.56 8.12
C CYS B 38 -4.84 12.91 8.06
N GLU B 39 -3.99 11.91 7.85
CA GLU B 39 -2.52 12.05 7.73
C GLU B 39 -2.19 12.97 6.53
N TYR B 40 -2.83 12.73 5.39
CA TYR B 40 -2.66 13.55 4.17
C TYR B 40 -2.96 15.02 4.52
N ILE B 41 -4.12 15.26 5.12
CA ILE B 41 -4.61 16.64 5.41
C ILE B 41 -3.64 17.30 6.39
N LYS B 42 -3.13 16.54 7.38
CA LYS B 42 -2.14 17.06 8.37
C LYS B 42 -0.90 17.58 7.62
N ASN B 43 -0.41 16.82 6.63
CA ASN B 43 0.88 17.08 5.94
C ASN B 43 0.74 18.04 4.75
N HIS B 44 -0.49 18.34 4.29
CA HIS B 44 -0.73 19.05 3.00
C HIS B 44 -0.83 20.57 3.19
N ASP B 45 -1.10 21.07 4.40
CA ASP B 45 -1.11 22.53 4.72
C ASP B 45 -2.12 23.29 3.84
N GLN B 46 -3.28 22.70 3.56
CA GLN B 46 -4.40 23.33 2.83
C GLN B 46 -5.47 23.78 3.84
N TYR B 47 -5.92 22.85 4.69
CA TYR B 47 -6.96 23.06 5.72
C TYR B 47 -6.37 22.79 7.09
N PRO B 48 -6.85 23.48 8.15
CA PRO B 48 -6.51 23.11 9.52
C PRO B 48 -7.11 21.73 9.84
N LEU B 49 -6.31 20.88 10.47
CA LEU B 49 -6.68 19.50 10.85
C LEU B 49 -7.96 19.52 11.70
N GLU B 50 -8.13 20.57 12.51
CA GLU B 50 -9.21 20.69 13.53
C GLU B 50 -10.56 21.01 12.87
N GLU B 51 -10.60 21.29 11.56
CA GLU B 51 -11.86 21.40 10.78
C GLU B 51 -12.34 20.01 10.36
N CYS B 52 -11.55 18.96 10.62
CA CYS B 52 -11.80 17.58 10.11
C CYS B 52 -12.05 16.61 11.25
N TYR B 53 -12.83 15.55 10.98
CA TYR B 53 -13.30 14.55 11.96
C TYR B 53 -13.38 13.16 11.32
N ALA B 54 -12.89 12.16 12.04
CA ALA B 54 -13.21 10.74 11.83
C ALA B 54 -14.62 10.51 12.38
N VAL B 55 -15.50 9.92 11.57
CA VAL B 55 -16.89 9.56 11.96
C VAL B 55 -17.04 8.04 11.87
N PHE B 56 -17.15 7.37 13.02
CA PHE B 56 -17.49 5.93 13.13
C PHE B 56 -19.00 5.81 13.16
N ILE B 57 -19.56 4.97 12.28
CA ILE B 57 -21.02 4.70 12.22
C ILE B 57 -21.19 3.25 12.67
N SER B 58 -21.92 3.03 13.77
CA SER B 58 -22.19 1.67 14.25
C SER B 58 -23.40 1.69 15.19
N ASN B 59 -23.62 0.59 15.89
CA ASN B 59 -24.69 0.48 16.90
C ASN B 59 -24.35 -0.69 17.81
N GLU B 60 -25.17 -0.93 18.84
CA GLU B 60 -24.89 -1.93 19.90
C GLU B 60 -24.76 -3.33 19.27
N ARG B 61 -25.59 -3.66 18.28
CA ARG B 61 -25.58 -4.98 17.63
C ARG B 61 -24.56 -5.04 16.49
N LYS B 62 -23.85 -3.92 16.22
CA LYS B 62 -22.86 -3.82 15.12
C LYS B 62 -23.49 -4.36 13.82
N MET B 63 -24.60 -3.75 13.41
CA MET B 63 -25.27 -4.02 12.12
C MET B 63 -25.97 -2.73 11.68
N ILE B 64 -25.31 -1.97 10.81
CA ILE B 64 -25.79 -0.65 10.30
C ILE B 64 -25.90 -0.71 8.77
N PRO B 65 -27.08 -0.40 8.20
CA PRO B 65 -27.18 -0.20 6.75
C PRO B 65 -26.52 1.11 6.32
N ILE B 66 -25.83 1.07 5.17
N ILE B 66 -25.80 1.06 5.19
CA ILE B 66 -25.34 2.27 4.44
CA ILE B 66 -25.33 2.25 4.43
C ILE B 66 -25.60 2.06 2.95
C ILE B 66 -25.68 2.02 2.96
N TRP B 67 -26.32 3.00 2.34
CA TRP B 67 -26.74 2.96 0.91
C TRP B 67 -25.64 3.61 0.06
N LYS B 68 -25.72 3.47 -1.27
CA LYS B 68 -24.78 4.05 -2.26
C LYS B 68 -23.35 3.55 -1.99
N GLN B 69 -23.21 2.27 -1.65
CA GLN B 69 -21.91 1.63 -1.30
C GLN B 69 -21.39 0.88 -2.53
N GLN B 70 -20.09 1.02 -2.82
CA GLN B 70 -19.39 0.41 -3.98
C GLN B 70 -19.62 -1.11 -4.00
N ALA B 71 -19.57 -1.76 -2.84
CA ALA B 71 -19.59 -3.23 -2.66
C ALA B 71 -20.92 -3.83 -3.12
N ARG B 72 -22.01 -3.05 -3.07
CA ARG B 72 -23.36 -3.47 -3.54
C ARG B 72 -24.00 -2.33 -4.34
N PRO B 73 -23.67 -2.18 -5.65
CA PRO B 73 -24.34 -1.19 -6.50
C PRO B 73 -25.84 -1.50 -6.62
N GLY B 74 -26.66 -0.44 -6.69
CA GLY B 74 -28.14 -0.53 -6.79
C GLY B 74 -28.84 0.26 -5.69
N ASP B 75 -30.03 -0.18 -5.30
CA ASP B 75 -30.95 0.54 -4.36
C ASP B 75 -30.86 -0.04 -2.94
N GLY B 76 -30.25 -1.21 -2.76
CA GLY B 76 -30.12 -1.89 -1.46
C GLY B 76 -28.91 -1.36 -0.68
N PRO B 77 -28.89 -1.49 0.67
CA PRO B 77 -27.74 -1.08 1.46
C PRO B 77 -26.71 -2.21 1.63
N VAL B 78 -25.48 -1.84 2.01
CA VAL B 78 -24.49 -2.76 2.65
C VAL B 78 -24.76 -2.72 4.16
N ILE B 79 -24.81 -3.88 4.83
CA ILE B 79 -24.90 -3.97 6.31
C ILE B 79 -23.49 -4.18 6.87
N TRP B 80 -22.89 -3.12 7.38
CA TRP B 80 -21.55 -3.15 8.01
C TRP B 80 -21.68 -3.47 9.50
N ASP B 81 -20.70 -4.15 10.09
CA ASP B 81 -20.51 -4.13 11.56
C ASP B 81 -20.26 -2.67 12.00
N TYR B 82 -19.45 -1.94 11.25
CA TYR B 82 -19.20 -0.49 11.45
C TYR B 82 -18.62 0.06 10.15
N HIS B 83 -18.67 1.38 9.98
CA HIS B 83 -18.10 2.11 8.82
C HIS B 83 -17.54 3.43 9.31
N VAL B 84 -16.47 3.89 8.67
CA VAL B 84 -15.77 5.16 9.03
C VAL B 84 -15.69 6.01 7.75
N VAL B 85 -16.03 7.28 7.88
CA VAL B 85 -15.92 8.30 6.80
C VAL B 85 -15.20 9.51 7.41
N LEU B 86 -14.68 10.39 6.56
CA LEU B 86 -14.09 11.69 6.97
C LEU B 86 -15.15 12.78 6.74
N LEU B 87 -15.30 13.63 7.76
CA LEU B 87 -16.19 14.82 7.78
C LEU B 87 -15.28 16.05 7.82
N HIS B 88 -15.42 16.93 6.84
CA HIS B 88 -14.74 18.25 6.85
C HIS B 88 -15.81 19.32 7.04
N VAL B 89 -15.76 20.03 8.17
CA VAL B 89 -16.61 21.23 8.41
C VAL B 89 -15.82 22.45 7.91
N SER B 90 -16.16 22.94 6.72
CA SER B 90 -15.51 24.12 6.08
C SER B 90 -15.74 25.33 6.99
N SER B 91 -14.83 26.31 6.94
CA SER B 91 -14.74 27.47 7.86
C SER B 91 -16.11 28.16 8.00
N GLY B 92 -16.90 28.23 6.92
CA GLY B 92 -18.21 28.89 6.87
C GLY B 92 -19.37 28.01 7.35
N GLY B 93 -19.09 26.78 7.80
CA GLY B 93 -20.08 25.86 8.40
C GLY B 93 -20.58 24.79 7.43
N GLN B 94 -20.27 24.90 6.13
CA GLN B 94 -20.68 23.90 5.11
C GLN B 94 -19.84 22.62 5.26
N SER B 95 -20.49 21.47 5.42
CA SER B 95 -19.85 20.17 5.74
C SER B 95 -19.77 19.29 4.49
N PHE B 96 -18.68 18.52 4.39
CA PHE B 96 -18.44 17.57 3.28
C PHE B 96 -18.07 16.20 3.87
N ILE B 97 -18.54 15.15 3.20
CA ILE B 97 -18.21 13.74 3.53
C ILE B 97 -17.28 13.19 2.44
N TYR B 98 -16.15 12.64 2.88
CA TYR B 98 -15.17 11.84 2.08
C TYR B 98 -15.34 10.38 2.48
N ASP B 99 -16.03 9.59 1.64
CA ASP B 99 -16.20 8.13 1.84
C ASP B 99 -15.67 7.39 0.61
N LEU B 100 -14.49 6.80 0.72
CA LEU B 100 -13.85 6.08 -0.42
C LEU B 100 -14.71 4.91 -0.91
N ASP B 101 -15.69 4.44 -0.12
CA ASP B 101 -16.57 3.29 -0.47
C ASP B 101 -17.91 3.71 -1.08
N THR B 102 -18.24 5.01 -1.13
CA THR B 102 -19.55 5.47 -1.66
C THR B 102 -19.48 5.60 -3.19
N VAL B 103 -20.61 5.41 -3.87
CA VAL B 103 -20.75 5.69 -5.32
C VAL B 103 -21.21 7.15 -5.48
N LEU B 104 -21.53 7.84 -4.38
CA LEU B 104 -21.79 9.30 -4.39
C LEU B 104 -20.48 10.03 -4.72
N PRO B 105 -20.52 11.33 -5.09
CA PRO B 105 -19.29 12.08 -5.34
C PRO B 105 -18.30 12.03 -4.17
N PHE B 106 -17.01 12.17 -4.46
CA PHE B 106 -15.91 12.17 -3.45
C PHE B 106 -15.11 13.46 -3.62
N PRO B 107 -15.30 14.50 -2.77
CA PRO B 107 -16.21 14.47 -1.63
C PRO B 107 -17.66 14.82 -2.00
N CYS B 108 -18.55 14.73 -1.01
CA CYS B 108 -20.02 14.88 -1.16
CA CYS B 108 -20.01 14.92 -1.18
C CYS B 108 -20.55 15.85 -0.10
N LEU B 109 -21.44 16.78 -0.49
CA LEU B 109 -22.11 17.70 0.45
C LEU B 109 -22.73 16.87 1.57
N PHE B 110 -22.58 17.30 2.81
CA PHE B 110 -23.06 16.54 3.98
C PHE B 110 -24.54 16.16 3.79
N ASP B 111 -25.41 17.12 3.49
CA ASP B 111 -26.88 16.89 3.44
C ASP B 111 -27.20 15.80 2.41
N THR B 112 -26.51 15.80 1.27
CA THR B 112 -26.70 14.80 0.18
C THR B 112 -26.26 13.41 0.65
N TYR B 113 -25.11 13.31 1.32
CA TYR B 113 -24.62 12.02 1.87
C TYR B 113 -25.64 11.50 2.89
N VAL B 114 -26.12 12.39 3.78
CA VAL B 114 -27.12 12.01 4.82
C VAL B 114 -28.41 11.54 4.12
N GLU B 115 -28.83 12.25 3.07
CA GLU B 115 -30.11 12.00 2.37
C GLU B 115 -30.08 10.62 1.68
N ASP B 116 -29.00 10.32 0.94
CA ASP B 116 -28.97 9.17 0.00
C ASP B 116 -28.22 7.97 0.58
N ALA B 117 -27.16 8.20 1.37
CA ALA B 117 -26.29 7.13 1.91
C ALA B 117 -26.82 6.64 3.27
N ILE B 118 -27.20 7.56 4.16
CA ILE B 118 -27.58 7.24 5.56
CA ILE B 118 -27.57 7.23 5.56
C ILE B 118 -29.10 7.03 5.63
N LYS B 119 -29.85 8.03 5.18
CA LYS B 119 -31.35 8.05 5.19
C LYS B 119 -31.87 8.10 6.63
N SER B 120 -33.18 8.26 6.79
CA SER B 120 -33.86 8.40 8.10
C SER B 120 -33.85 7.07 8.85
N ASP B 121 -33.80 7.11 10.18
CA ASP B 121 -33.96 5.93 11.06
C ASP B 121 -35.44 5.76 11.44
N ASP B 122 -36.32 6.68 11.01
CA ASP B 122 -37.77 6.69 11.37
C ASP B 122 -38.37 5.30 11.21
N ASP B 123 -38.25 4.71 10.01
CA ASP B 123 -38.97 3.46 9.64
C ASP B 123 -37.96 2.32 9.50
N ILE B 124 -36.73 2.52 10.01
CA ILE B 124 -35.67 1.47 10.11
C ILE B 124 -35.96 0.62 11.35
N HIS B 125 -35.90 -0.71 11.19
CA HIS B 125 -36.04 -1.67 12.30
C HIS B 125 -35.05 -1.26 13.40
N PRO B 126 -35.49 -1.06 14.66
CA PRO B 126 -34.64 -0.40 15.65
C PRO B 126 -33.23 -0.98 15.81
N GLN B 127 -33.05 -2.30 15.67
CA GLN B 127 -31.73 -2.98 15.86
C GLN B 127 -30.73 -2.57 14.75
N PHE B 128 -31.22 -1.97 13.66
CA PHE B 128 -30.38 -1.48 12.53
C PHE B 128 -30.06 0.02 12.65
N ARG B 129 -30.62 0.74 13.63
CA ARG B 129 -30.52 2.23 13.66
C ARG B 129 -29.08 2.65 13.92
N ARG B 130 -28.69 3.79 13.32
CA ARG B 130 -27.28 4.25 13.27
C ARG B 130 -27.02 5.23 14.42
N LYS B 131 -25.86 5.07 15.06
CA LYS B 131 -25.24 6.10 15.93
C LYS B 131 -23.89 6.49 15.33
N PHE B 132 -23.38 7.64 15.75
CA PHE B 132 -22.18 8.31 15.17
C PHE B 132 -21.23 8.67 16.29
N ARG B 133 -19.98 8.21 16.20
CA ARG B 133 -18.88 8.72 17.06
C ARG B 133 -18.02 9.65 16.21
N VAL B 134 -17.91 10.91 16.62
CA VAL B 134 -17.19 11.97 15.88
C VAL B 134 -15.92 12.29 16.67
N ILE B 135 -14.75 12.05 16.08
CA ILE B 135 -13.44 12.33 16.73
C ILE B 135 -12.70 13.35 15.87
N CYS B 136 -12.34 14.50 16.45
CA CYS B 136 -11.39 15.49 15.87
C CYS B 136 -10.25 14.72 15.19
N ALA B 137 -9.87 15.13 13.97
CA ALA B 137 -8.83 14.46 13.16
C ALA B 137 -7.50 14.47 13.91
N ASP B 138 -7.20 15.54 14.65
CA ASP B 138 -5.96 15.69 15.45
C ASP B 138 -5.94 14.59 16.53
N SER B 139 -7.04 14.43 17.26
CA SER B 139 -7.21 13.39 18.32
C SER B 139 -7.13 11.99 17.70
N TYR B 140 -7.73 11.77 16.52
CA TYR B 140 -7.74 10.46 15.82
C TYR B 140 -6.32 10.04 15.46
N LEU B 141 -5.56 10.92 14.81
CA LEU B 141 -4.15 10.66 14.41
C LEU B 141 -3.32 10.34 15.66
N LYS B 142 -3.61 11.02 16.77
CA LYS B 142 -2.80 10.91 18.01
C LYS B 142 -3.13 9.62 18.77
N ASN B 143 -4.37 9.11 18.69
CA ASN B 143 -4.90 8.12 19.67
C ASN B 143 -5.29 6.79 19.02
N PHE B 144 -5.65 6.75 17.74
CA PHE B 144 -6.08 5.51 17.06
C PHE B 144 -4.92 4.51 16.97
N ALA B 145 -5.20 3.26 17.31
CA ALA B 145 -4.26 2.12 17.17
C ALA B 145 -5.05 0.87 16.77
N SER B 146 -4.57 0.14 15.76
CA SER B 146 -5.16 -1.16 15.34
C SER B 146 -4.04 -2.13 14.95
N ASP B 147 -4.02 -3.32 15.55
CA ASP B 147 -3.08 -4.42 15.21
C ASP B 147 -3.73 -5.35 14.17
N ARG B 148 -4.94 -5.01 13.71
CA ARG B 148 -5.70 -5.73 12.65
C ARG B 148 -6.08 -7.14 13.12
N SER B 149 -6.01 -7.42 14.42
CA SER B 149 -6.28 -8.78 14.98
C SER B 149 -7.74 -9.17 14.72
N HIS B 150 -8.63 -8.19 14.56
CA HIS B 150 -10.07 -8.40 14.26
C HIS B 150 -10.26 -8.96 12.84
N MET B 151 -9.25 -8.85 11.96
CA MET B 151 -9.37 -9.24 10.53
C MET B 151 -8.70 -10.59 10.27
N LYS B 152 -8.24 -11.28 11.31
CA LYS B 152 -7.59 -12.61 11.22
C LYS B 152 -8.46 -13.66 11.92
N ASP B 153 -8.71 -14.79 11.25
CA ASP B 153 -9.54 -15.93 11.77
C ASP B 153 -8.80 -16.63 12.91
N SER B 154 -9.40 -17.71 13.44
CA SER B 154 -8.86 -18.59 14.51
C SER B 154 -7.44 -19.07 14.14
N SER B 155 -7.25 -19.50 12.88
CA SER B 155 -5.98 -20.05 12.34
C SER B 155 -4.95 -18.92 12.14
N GLY B 156 -5.40 -17.68 12.05
CA GLY B 156 -4.54 -16.48 11.90
C GLY B 156 -4.30 -16.13 10.44
N ASN B 157 -5.22 -16.54 9.55
CA ASN B 157 -5.25 -16.12 8.11
C ASN B 157 -6.16 -14.90 7.95
N TRP B 158 -5.84 -14.03 6.98
CA TRP B 158 -6.56 -12.75 6.73
C TRP B 158 -7.94 -13.01 6.12
N ARG B 159 -9.00 -12.44 6.71
CA ARG B 159 -10.37 -12.49 6.12
C ARG B 159 -10.43 -11.56 4.90
N GLU B 160 -9.71 -10.43 4.96
CA GLU B 160 -9.50 -9.50 3.82
C GLU B 160 -8.03 -9.08 3.79
N PRO B 161 -7.40 -8.97 2.60
CA PRO B 161 -5.99 -8.62 2.49
C PRO B 161 -5.68 -7.30 3.22
N PRO B 162 -4.62 -7.23 4.07
CA PRO B 162 -4.37 -6.05 4.87
C PRO B 162 -3.88 -4.84 4.06
N PRO B 163 -3.97 -3.62 4.62
CA PRO B 163 -3.39 -2.45 3.98
C PRO B 163 -1.88 -2.67 3.80
N PRO B 164 -1.29 -2.10 2.73
CA PRO B 164 0.11 -2.36 2.38
C PRO B 164 1.15 -1.51 3.11
N TYR B 165 0.97 -1.31 4.42
CA TYR B 165 1.91 -0.53 5.30
C TYR B 165 1.74 -1.05 6.72
N PRO B 166 2.75 -0.86 7.61
CA PRO B 166 2.69 -1.35 8.98
C PRO B 166 1.46 -0.88 9.77
N CYS B 167 1.00 -1.72 10.72
CA CYS B 167 -0.11 -1.41 11.66
C CYS B 167 0.10 -0.04 12.31
N ILE B 168 -0.97 0.76 12.38
CA ILE B 168 -0.98 2.08 13.07
C ILE B 168 -0.86 1.82 14.58
N GLU B 169 0.16 2.41 15.23
CA GLU B 169 0.39 2.32 16.70
C GLU B 169 0.55 3.71 17.29
N THR B 170 0.41 3.82 18.60
CA THR B 170 0.80 5.02 19.39
C THR B 170 1.74 4.58 20.52
N GLY B 171 2.27 5.54 21.28
CA GLY B 171 3.05 5.29 22.50
C GLY B 171 2.19 4.80 23.66
N ASP B 172 0.86 4.80 23.49
CA ASP B 172 -0.13 4.44 24.54
C ASP B 172 -0.77 3.07 24.27
N SER B 173 -0.89 2.64 23.01
CA SER B 173 -1.68 1.43 22.64
C SER B 173 -1.27 0.89 21.27
N LYS B 174 -1.43 -0.42 21.09
CA LYS B 174 -1.24 -1.14 19.81
C LYS B 174 -2.60 -1.60 19.28
N MET B 175 -3.68 -1.44 20.07
CA MET B 175 -5.05 -1.85 19.65
C MET B 175 -6.11 -1.25 20.58
N ASN B 176 -6.91 -0.31 20.06
CA ASN B 176 -8.06 0.31 20.79
C ASN B 176 -9.25 0.47 19.84
N LEU B 177 -9.30 -0.29 18.74
CA LEU B 177 -10.36 -0.14 17.70
C LEU B 177 -11.75 -0.26 18.32
N ASN B 178 -11.94 -1.16 19.29
CA ASN B 178 -13.28 -1.44 19.89
C ASN B 178 -13.82 -0.18 20.60
N ASP B 179 -12.93 0.70 21.10
CA ASP B 179 -13.32 1.94 21.81
C ASP B 179 -13.81 3.02 20.82
N PHE B 180 -13.60 2.83 19.52
CA PHE B 180 -14.08 3.74 18.44
C PHE B 180 -15.37 3.15 17.85
N ILE B 181 -15.44 1.82 17.68
CA ILE B 181 -16.65 1.13 17.13
C ILE B 181 -17.78 1.24 18.16
N SER B 182 -17.44 1.17 19.44
CA SER B 182 -18.38 1.36 20.58
C SER B 182 -19.16 2.66 20.39
N MET B 183 -20.49 2.57 20.49
CA MET B 183 -21.38 3.77 20.52
C MET B 183 -21.86 4.02 21.95
N ASP B 184 -21.06 3.62 22.95
CA ASP B 184 -21.26 3.95 24.38
C ASP B 184 -20.52 5.25 24.66
N PRO B 185 -21.24 6.36 24.99
CA PRO B 185 -20.58 7.63 25.32
C PRO B 185 -19.66 7.59 26.54
N LYS B 186 -19.75 6.54 27.37
CA LYS B 186 -18.90 6.36 28.59
C LYS B 186 -17.53 5.77 28.21
N VAL B 187 -17.30 5.52 26.91
CA VAL B 187 -16.09 4.87 26.33
C VAL B 187 -15.48 5.81 25.29
N GLY B 188 -14.15 5.90 25.22
CA GLY B 188 -13.39 6.36 24.04
C GLY B 188 -13.33 7.87 23.89
N TRP B 189 -12.87 8.31 22.73
CA TRP B 189 -12.60 9.72 22.39
C TRP B 189 -13.78 10.33 21.62
N GLY B 190 -13.84 11.67 21.61
CA GLY B 190 -14.80 12.45 20.83
C GLY B 190 -16.19 12.39 21.46
N ALA B 191 -17.22 12.45 20.63
CA ALA B 191 -18.63 12.57 21.05
C ALA B 191 -19.48 11.54 20.30
N VAL B 192 -20.41 10.90 20.99
CA VAL B 192 -21.36 9.92 20.41
C VAL B 192 -22.68 10.66 20.21
N TYR B 193 -23.22 10.62 18.99
CA TYR B 193 -24.44 11.36 18.61
C TYR B 193 -25.49 10.40 18.07
N THR B 194 -26.75 10.71 18.37
CA THR B 194 -27.91 10.12 17.66
C THR B 194 -27.84 10.62 16.21
N LEU B 195 -28.54 9.95 15.29
CA LEU B 195 -28.71 10.45 13.91
C LEU B 195 -29.23 11.90 13.96
N SER B 196 -30.18 12.18 14.85
CA SER B 196 -30.80 13.52 15.04
CA SER B 196 -30.80 13.52 15.03
C SER B 196 -29.73 14.57 15.35
N GLU B 197 -28.91 14.33 16.38
CA GLU B 197 -27.89 15.32 16.84
C GLU B 197 -26.81 15.47 15.77
N PHE B 198 -26.44 14.37 15.10
CA PHE B 198 -25.34 14.36 14.09
C PHE B 198 -25.75 15.24 12.90
N THR B 199 -26.96 15.05 12.37
CA THR B 199 -27.45 15.77 11.17
C THR B 199 -27.68 17.25 11.53
N HIS B 200 -28.22 17.51 12.71
CA HIS B 200 -28.48 18.88 13.22
C HIS B 200 -27.14 19.64 13.35
N ARG B 201 -26.12 18.98 13.91
CA ARG B 201 -24.82 19.61 14.27
C ARG B 201 -24.07 20.04 13.01
N PHE B 202 -24.04 19.20 11.98
CA PHE B 202 -23.13 19.38 10.81
C PHE B 202 -23.92 19.73 9.55
N GLY B 203 -25.24 19.51 9.53
CA GLY B 203 -26.10 19.77 8.36
C GLY B 203 -26.62 21.20 8.37
N SER B 204 -27.23 21.63 7.25
CA SER B 204 -27.92 22.93 7.11
C SER B 204 -29.27 22.87 7.84
#